data_6XMB
#
_entry.id   6XMB
#
_cell.length_a   67.280
_cell.length_b   82.360
_cell.length_c   71.730
_cell.angle_alpha   90.000
_cell.angle_beta   90.000
_cell.angle_gamma   90.000
#
_symmetry.space_group_name_H-M   'P 21 21 2'
#
_entity_poly.entity_id   1
_entity_poly.type   'polypeptide(L)'
_entity_poly.pdbx_seq_one_letter_code
;TEATRKHVQQLMKVFRAIDFDFTKKAFYLHRAKYGVQNQLRNPLYLKAMSLPRSAKLSQPCLNKMIDEVNDLESTFYAGF
SFNCHDHDQYSMDCLEAAEPTYLDGLKKLAASTEQCLVQK
;
_entity_poly.pdbx_strand_id   A,B,C
#
# COMPACT_ATOMS: atom_id res chain seq x y z
N GLU A 2 -22.86 -28.16 -7.91
CA GLU A 2 -22.01 -29.05 -7.13
C GLU A 2 -21.64 -28.43 -5.81
N ALA A 3 -21.72 -29.21 -4.74
CA ALA A 3 -21.36 -28.71 -3.42
C ALA A 3 -19.90 -28.27 -3.37
N THR A 4 -19.65 -27.19 -2.65
CA THR A 4 -18.31 -26.66 -2.45
C THR A 4 -17.41 -27.74 -1.88
N ARG A 5 -16.29 -27.99 -2.55
CA ARG A 5 -15.43 -29.06 -2.08
C ARG A 5 -14.81 -28.64 -0.75
N LYS A 6 -14.71 -29.61 0.16
CA LYS A 6 -14.09 -29.36 1.45
C LYS A 6 -12.67 -28.82 1.28
N HIS A 7 -11.92 -29.37 0.33
CA HIS A 7 -10.54 -28.93 0.21
C HIS A 7 -10.41 -27.53 -0.37
N VAL A 8 -11.40 -27.06 -1.12
CA VAL A 8 -11.39 -25.66 -1.51
C VAL A 8 -11.52 -24.77 -0.27
N GLN A 9 -12.37 -25.15 0.67
CA GLN A 9 -12.51 -24.34 1.88
C GLN A 9 -11.24 -24.36 2.73
N GLN A 10 -10.53 -25.50 2.78
CA GLN A 10 -9.28 -25.55 3.54
C GLN A 10 -8.19 -24.73 2.88
N LEU A 11 -8.15 -24.72 1.54
CA LEU A 11 -7.21 -23.86 0.84
C LEU A 11 -7.50 -22.39 1.11
N MET A 12 -8.78 -22.01 1.07
CA MET A 12 -9.14 -20.61 1.24
C MET A 12 -8.97 -20.16 2.67
N LYS A 13 -9.05 -21.11 3.60
CA LYS A 13 -8.79 -20.83 5.01
C LYS A 13 -7.36 -20.37 5.20
N VAL A 14 -6.40 -21.05 4.57
CA VAL A 14 -5.01 -20.63 4.65
C VAL A 14 -4.82 -19.26 4.01
N PHE A 15 -5.53 -18.99 2.92
CA PHE A 15 -5.33 -17.68 2.31
C PHE A 15 -6.05 -16.58 3.08
N ARG A 16 -7.13 -16.89 3.78
CA ARG A 16 -7.75 -15.90 4.66
C ARG A 16 -6.74 -15.40 5.71
N ALA A 17 -6.04 -16.34 6.35
CA ALA A 17 -5.09 -15.98 7.39
C ALA A 17 -3.93 -15.17 6.86
N ILE A 18 -3.60 -15.33 5.57
CA ILE A 18 -2.51 -14.58 4.98
C ILE A 18 -2.95 -13.16 4.68
N ASP A 19 -4.14 -13.04 4.08
CA ASP A 19 -4.82 -11.76 3.95
C ASP A 19 -4.91 -11.03 5.29
N PHE A 20 -5.28 -11.74 6.36
CA PHE A 20 -5.33 -11.11 7.67
C PHE A 20 -3.94 -10.72 8.15
N ASP A 21 -2.91 -11.55 7.85
CA ASP A 21 -1.52 -11.16 8.13
C ASP A 21 -1.19 -9.81 7.52
N PHE A 22 -1.55 -9.62 6.24
CA PHE A 22 -1.34 -8.31 5.63
C PHE A 22 -2.14 -7.23 6.34
N THR A 23 -3.35 -7.56 6.82
CA THR A 23 -4.13 -6.57 7.55
C THR A 23 -3.41 -6.14 8.82
N LYS A 24 -2.92 -7.10 9.59
CA LYS A 24 -2.17 -6.79 10.80
C LYS A 24 -0.96 -5.91 10.50
N LYS A 25 -0.28 -6.16 9.38
CA LYS A 25 0.86 -5.31 9.03
C LYS A 25 0.40 -3.89 8.72
N ALA A 26 -0.78 -3.74 8.09
CA ALA A 26 -1.30 -2.41 7.80
C ALA A 26 -1.73 -1.69 9.07
N PHE A 27 -2.19 -2.46 10.08
CA PHE A 27 -2.46 -1.90 11.39
C PHE A 27 -1.19 -1.39 12.05
N TYR A 28 -0.09 -2.15 11.95
CA TYR A 28 1.21 -1.69 12.43
C TYR A 28 1.55 -0.32 11.85
N LEU A 29 1.43 -0.18 10.53
CA LEU A 29 1.80 1.08 9.89
C LEU A 29 0.97 2.23 10.40
N HIS A 30 -0.34 1.97 10.56
CA HIS A 30 -1.26 2.98 11.05
C HIS A 30 -0.86 3.44 12.44
N ARG A 31 -0.59 2.50 13.35
CA ARG A 31 -0.13 2.88 14.69
C ARG A 31 1.15 3.67 14.64
N ALA A 32 2.09 3.29 13.77
CA ALA A 32 3.36 3.99 13.71
C ALA A 32 3.18 5.41 13.20
N LYS A 33 2.30 5.59 12.19
CA LYS A 33 2.06 6.93 11.66
C LYS A 33 1.41 7.83 12.71
N TYR A 34 0.41 7.31 13.41
CA TYR A 34 -0.27 8.16 14.38
C TYR A 34 0.56 8.33 15.65
N GLY A 35 1.44 7.39 15.94
CA GLY A 35 2.47 7.68 16.94
C GLY A 35 3.26 8.94 16.61
N VAL A 36 3.73 9.04 15.38
CA VAL A 36 4.50 10.22 14.99
C VAL A 36 3.66 11.48 15.13
N GLN A 37 2.40 11.43 14.67
CA GLN A 37 1.53 12.62 14.77
C GLN A 37 1.31 13.05 16.22
N ASN A 38 1.07 12.09 17.12
CA ASN A 38 0.62 12.44 18.46
C ASN A 38 1.77 12.81 19.38
N GLN A 39 2.85 12.01 19.40
CA GLN A 39 3.96 12.24 20.31
C GLN A 39 5.00 13.22 19.77
N LEU A 40 4.98 13.53 18.49
CA LEU A 40 6.10 14.26 17.93
C LEU A 40 5.64 15.48 17.15
N ARG A 41 4.84 15.27 16.10
CA ARG A 41 4.43 16.38 15.26
C ARG A 41 3.66 17.41 16.08
N ASN A 42 2.63 16.97 16.81
CA ASN A 42 1.76 17.93 17.46
C ASN A 42 2.47 18.75 18.52
N PRO A 43 3.18 18.18 19.49
CA PRO A 43 3.90 19.03 20.45
C PRO A 43 4.93 19.94 19.79
N LEU A 44 5.56 19.52 18.69
CA LEU A 44 6.51 20.41 18.03
C LEU A 44 5.79 21.50 17.25
N TYR A 45 4.57 21.24 16.80
CA TYR A 45 3.78 22.33 16.22
C TYR A 45 3.48 23.40 17.26
N LEU A 46 3.33 23.00 18.53
CA LEU A 46 3.10 23.97 19.60
C LEU A 46 4.31 24.88 19.76
N LYS A 47 5.50 24.29 19.84
CA LYS A 47 6.72 25.06 19.99
C LYS A 47 6.89 26.05 18.84
N ALA A 48 6.55 25.63 17.63
CA ALA A 48 6.81 26.48 16.46
C ALA A 48 5.97 27.73 16.49
N MET A 49 4.71 27.61 16.90
CA MET A 49 3.80 28.75 16.83
C MET A 49 4.09 29.76 17.92
N SER A 50 4.58 29.31 19.08
CA SER A 50 5.08 30.20 20.11
C SER A 50 6.58 30.36 19.91
N LEU A 51 6.94 31.20 18.95
CA LEU A 51 8.33 31.53 18.66
C LEU A 51 8.39 32.95 18.12
N PRO A 52 9.47 33.67 18.41
CA PRO A 52 9.60 35.03 17.88
C PRO A 52 9.68 35.05 16.36
N ARG A 53 9.07 36.08 15.76
CA ARG A 53 9.15 36.26 14.32
C ARG A 53 10.58 36.16 13.84
N SER A 54 11.54 36.61 14.65
CA SER A 54 12.95 36.57 14.26
C SER A 54 13.65 35.43 15.01
N ALA A 55 13.30 34.21 14.60
CA ALA A 55 13.98 33.00 15.05
C ALA A 55 14.36 32.18 13.84
N LYS A 56 15.57 31.63 13.85
CA LYS A 56 16.06 30.76 12.78
C LYS A 56 16.06 29.32 13.28
N LEU A 57 15.61 28.42 12.42
CA LEU A 57 15.47 27.01 12.79
C LEU A 57 16.75 26.26 12.47
N SER A 58 17.14 25.37 13.39
CA SER A 58 18.34 24.57 13.22
C SER A 58 18.02 23.37 12.33
N GLN A 59 18.48 23.41 11.08
CA GLN A 59 18.16 22.26 10.24
C GLN A 59 18.98 21.02 10.59
N PRO A 60 20.21 21.14 11.11
CA PRO A 60 20.82 19.94 11.73
C PRO A 60 19.93 19.27 12.74
N CYS A 61 19.08 20.04 13.43
CA CYS A 61 18.18 19.48 14.44
C CYS A 61 17.02 18.75 13.77
N LEU A 62 16.46 19.31 12.70
CA LEU A 62 15.44 18.60 11.94
C LEU A 62 16.00 17.35 11.30
N ASN A 63 17.27 17.41 10.86
CA ASN A 63 17.90 16.24 10.27
C ASN A 63 18.08 15.13 11.30
N LYS A 64 18.58 15.46 12.49
CA LYS A 64 18.67 14.46 13.54
C LYS A 64 17.31 13.84 13.85
N MET A 65 16.24 14.67 13.89
CA MET A 65 14.89 14.16 14.16
C MET A 65 14.43 13.17 13.11
N ILE A 66 14.56 13.53 11.83
CA ILE A 66 14.16 12.62 10.76
C ILE A 66 14.86 11.28 10.89
N ASP A 67 16.18 11.28 11.00
CA ASP A 67 16.86 10.01 11.07
C ASP A 67 16.54 9.27 12.36
N GLU A 68 16.27 10.01 13.43
CA GLU A 68 15.81 9.38 14.67
C GLU A 68 14.37 8.88 14.55
N VAL A 69 13.54 9.53 13.74
CA VAL A 69 12.23 8.92 13.47
C VAL A 69 12.42 7.56 12.81
N ASN A 70 13.34 7.48 11.84
CA ASN A 70 13.54 6.25 11.07
C ASN A 70 14.01 5.10 11.94
N ASP A 71 14.94 5.39 12.85
CA ASP A 71 15.48 4.31 13.67
C ASP A 71 14.45 3.82 14.68
N LEU A 72 13.67 4.72 15.28
CA LEU A 72 12.62 4.30 16.19
C LEU A 72 11.59 3.44 15.47
N GLU A 73 11.22 3.82 14.25
CA GLU A 73 10.21 3.06 13.50
C GLU A 73 10.73 1.68 13.09
N SER A 74 12.00 1.62 12.65
CA SER A 74 12.61 0.32 12.32
C SER A 74 12.62 -0.59 13.53
N THR A 75 12.99 -0.04 14.69
CA THR A 75 12.98 -0.83 15.93
C THR A 75 11.57 -1.26 16.32
N PHE A 76 10.57 -0.43 16.03
CA PHE A 76 9.19 -0.83 16.33
C PHE A 76 8.80 -2.02 15.45
N TYR A 77 9.08 -1.95 14.13
CA TYR A 77 8.76 -3.07 13.25
C TYR A 77 9.52 -4.34 13.60
N ALA A 78 10.76 -4.21 14.08
CA ALA A 78 11.49 -5.39 14.53
C ALA A 78 10.82 -6.02 15.74
N GLY A 79 10.38 -5.19 16.69
CA GLY A 79 9.68 -5.74 17.85
C GLY A 79 8.36 -6.39 17.47
N PHE A 80 7.65 -5.79 16.50
CA PHE A 80 6.37 -6.34 16.07
C PHE A 80 6.56 -7.66 15.33
N SER A 81 7.71 -7.85 14.68
CA SER A 81 7.89 -8.99 13.80
C SER A 81 8.95 -9.97 14.30
N PHE A 82 10.10 -9.98 13.63
CA PHE A 82 11.08 -11.06 13.82
C PHE A 82 11.74 -11.02 15.18
N ASN A 83 11.68 -9.89 15.90
CA ASN A 83 12.38 -9.79 17.17
C ASN A 83 11.45 -9.91 18.36
N CYS A 84 10.26 -10.46 18.16
CA CYS A 84 9.28 -10.68 19.23
C CYS A 84 9.73 -11.88 20.07
N HIS A 85 10.08 -11.62 21.33
CA HIS A 85 10.91 -12.55 22.11
C HIS A 85 10.23 -13.89 22.34
N ASP A 86 8.91 -13.92 22.49
CA ASP A 86 8.21 -15.18 22.76
C ASP A 86 6.73 -15.07 22.44
N HIS A 87 6.39 -14.85 21.17
CA HIS A 87 5.01 -14.70 20.75
C HIS A 87 4.88 -15.08 19.28
N ASP A 88 3.65 -15.29 18.84
CA ASP A 88 3.38 -15.52 17.43
C ASP A 88 3.89 -14.32 16.61
N GLN A 89 4.00 -14.54 15.29
CA GLN A 89 4.63 -13.58 14.39
C GLN A 89 4.21 -12.12 14.42
N TYR A 90 2.93 -11.82 14.16
CA TYR A 90 2.50 -10.43 14.15
C TYR A 90 1.35 -10.15 15.11
N SER A 91 1.41 -10.75 16.30
CA SER A 91 0.29 -10.72 17.24
C SER A 91 0.02 -9.31 17.74
N MET A 92 -1.15 -9.13 18.36
CA MET A 92 -1.40 -7.96 19.20
C MET A 92 -0.54 -7.97 20.44
N ASP A 93 -0.08 -9.16 20.87
CA ASP A 93 0.79 -9.22 22.03
C ASP A 93 2.18 -8.71 21.71
N CYS A 94 2.65 -8.88 20.47
CA CYS A 94 3.91 -8.26 20.09
C CYS A 94 3.80 -6.74 20.09
N LEU A 95 2.69 -6.23 19.55
CA LEU A 95 2.43 -4.79 19.57
C LEU A 95 2.40 -4.25 21.00
N GLU A 96 1.75 -4.98 21.91
CA GLU A 96 1.67 -4.54 23.30
C GLU A 96 3.06 -4.34 23.92
N ALA A 97 4.08 -5.04 23.43
CA ALA A 97 5.40 -4.91 24.03
C ALA A 97 6.25 -3.84 23.37
N ALA A 98 6.12 -3.68 22.05
CA ALA A 98 6.98 -2.80 21.27
C ALA A 98 6.42 -1.40 21.11
N GLU A 99 5.11 -1.23 21.12
CA GLU A 99 4.56 0.10 20.90
C GLU A 99 4.92 1.07 22.00
N PRO A 100 4.77 0.75 23.30
CA PRO A 100 5.11 1.76 24.32
C PRO A 100 6.55 2.24 24.23
N THR A 101 7.50 1.31 24.08
CA THR A 101 8.89 1.68 23.82
C THR A 101 8.99 2.69 22.68
N TYR A 102 8.29 2.45 21.56
CA TYR A 102 8.34 3.36 20.41
C TYR A 102 7.72 4.71 20.73
N LEU A 103 6.56 4.72 21.40
CA LEU A 103 5.92 5.99 21.73
C LEU A 103 6.75 6.74 22.76
N ASP A 104 7.29 6.04 23.76
CA ASP A 104 8.20 6.71 24.68
C ASP A 104 9.46 7.20 23.97
N GLY A 105 9.87 6.53 22.89
CA GLY A 105 11.00 7.04 22.12
C GLY A 105 10.68 8.34 21.41
N LEU A 106 9.52 8.42 20.77
CA LEU A 106 9.13 9.64 20.08
C LEU A 106 8.93 10.77 21.08
N LYS A 107 8.41 10.45 22.26
CA LYS A 107 8.20 11.44 23.30
C LYS A 107 9.52 12.07 23.72
N LYS A 108 10.49 11.24 24.08
CA LYS A 108 11.83 11.76 24.37
C LYS A 108 12.37 12.53 23.18
N LEU A 109 12.12 12.05 21.95
CA LEU A 109 12.68 12.75 20.79
C LEU A 109 12.03 14.13 20.63
N ALA A 110 10.73 14.22 20.90
CA ALA A 110 10.06 15.52 20.79
C ALA A 110 10.64 16.53 21.77
N ALA A 111 11.18 16.07 22.89
CA ALA A 111 11.75 16.96 23.90
C ALA A 111 13.11 17.47 23.47
N SER A 112 14.01 16.57 23.04
CA SER A 112 15.33 16.98 22.61
C SER A 112 15.27 17.78 21.31
N THR A 113 14.30 17.49 20.44
CA THR A 113 14.10 18.30 19.25
C THR A 113 13.66 19.71 19.62
N GLU A 114 12.77 19.83 20.61
CA GLU A 114 12.38 21.15 21.07
C GLU A 114 13.60 21.96 21.52
N GLN A 115 14.55 21.30 22.19
CA GLN A 115 15.68 22.02 22.74
C GLN A 115 16.64 22.53 21.67
N CYS A 116 16.85 21.78 20.60
CA CYS A 116 17.76 22.22 19.53
C CYS A 116 17.06 22.92 18.39
N LEU A 117 15.75 23.23 18.51
CA LEU A 117 14.99 23.69 17.36
C LEU A 117 15.45 25.07 16.88
N VAL A 118 15.59 26.01 17.81
CA VAL A 118 15.99 27.38 17.47
C VAL A 118 17.50 27.45 17.27
N GLN A 119 17.93 27.98 16.12
CA GLN A 119 19.25 28.61 15.93
C GLN A 119 19.48 28.98 14.46
N ALA B 3 1.03 35.23 12.48
CA ALA B 3 2.09 35.97 13.14
C ALA B 3 3.45 35.33 12.87
N THR B 4 3.52 34.00 13.01
CA THR B 4 4.71 33.22 12.66
C THR B 4 4.28 32.02 11.80
N ARG B 5 3.68 32.34 10.66
CA ARG B 5 3.34 31.32 9.67
C ARG B 5 4.59 30.62 9.13
N LYS B 6 5.76 31.25 9.26
CA LYS B 6 6.97 30.77 8.59
C LYS B 6 7.47 29.47 9.22
N HIS B 7 7.68 29.48 10.54
CA HIS B 7 8.21 28.30 11.20
C HIS B 7 7.25 27.11 11.08
N VAL B 8 5.94 27.36 11.06
CA VAL B 8 4.97 26.27 11.00
C VAL B 8 5.02 25.60 9.63
N GLN B 9 4.94 26.41 8.56
CA GLN B 9 5.05 25.84 7.22
C GLN B 9 6.34 25.05 7.06
N GLN B 10 7.43 25.56 7.66
CA GLN B 10 8.71 24.86 7.56
C GLN B 10 8.67 23.52 8.28
N LEU B 11 7.97 23.43 9.41
CA LEU B 11 7.83 22.15 10.11
C LEU B 11 6.88 21.22 9.36
N MET B 12 5.86 21.76 8.71
CA MET B 12 4.92 20.89 8.00
C MET B 12 5.63 20.17 6.86
N LYS B 13 6.57 20.85 6.20
CA LYS B 13 7.32 20.24 5.11
C LYS B 13 7.97 18.95 5.56
N VAL B 14 8.63 18.96 6.73
CA VAL B 14 9.28 17.77 7.25
C VAL B 14 8.26 16.71 7.61
N PHE B 15 7.14 17.09 8.22
CA PHE B 15 6.17 16.08 8.62
C PHE B 15 5.31 15.62 7.47
N ARG B 16 5.13 16.45 6.44
CA ARG B 16 4.53 15.98 5.21
C ARG B 16 5.31 14.82 4.63
N ALA B 17 6.64 14.94 4.59
CA ALA B 17 7.47 13.88 3.99
C ALA B 17 7.38 12.59 4.79
N ILE B 18 7.38 12.68 6.11
CA ILE B 18 7.25 11.47 6.91
C ILE B 18 5.90 10.82 6.65
N ASP B 19 4.86 11.63 6.51
CA ASP B 19 3.55 11.09 6.14
C ASP B 19 3.64 10.31 4.83
N PHE B 20 4.17 10.95 3.78
CA PHE B 20 4.28 10.29 2.50
C PHE B 20 5.13 9.04 2.61
N ASP B 21 6.18 9.07 3.44
CA ASP B 21 6.95 7.86 3.70
C ASP B 21 6.08 6.73 4.18
N PHE B 22 5.12 7.04 5.03
CA PHE B 22 4.19 6.02 5.49
C PHE B 22 3.29 5.56 4.36
N THR B 23 2.94 6.46 3.45
CA THR B 23 2.15 6.10 2.29
C THR B 23 2.97 5.23 1.31
N LYS B 24 4.25 5.53 1.12
CA LYS B 24 5.10 4.65 0.33
C LYS B 24 5.17 3.25 0.96
N LYS B 25 5.33 3.17 2.28
CA LYS B 25 5.32 1.86 2.93
C LYS B 25 3.97 1.15 2.77
N ALA B 26 2.86 1.89 2.72
CA ALA B 26 1.56 1.25 2.52
C ALA B 26 1.39 0.79 1.07
N PHE B 27 1.94 1.54 0.13
CA PHE B 27 1.92 1.11 -1.26
C PHE B 27 2.76 -0.16 -1.44
N TYR B 28 3.93 -0.21 -0.82
CA TYR B 28 4.70 -1.45 -0.78
C TYR B 28 3.82 -2.61 -0.34
N LEU B 29 3.12 -2.44 0.77
CA LEU B 29 2.36 -3.53 1.39
C LEU B 29 1.25 -4.00 0.48
N HIS B 30 0.58 -3.08 -0.21
CA HIS B 30 -0.42 -3.46 -1.21
C HIS B 30 0.23 -4.26 -2.35
N ARG B 31 1.40 -3.81 -2.83
CA ARG B 31 2.11 -4.55 -3.89
C ARG B 31 2.47 -5.96 -3.43
N ALA B 32 2.94 -6.11 -2.20
CA ALA B 32 3.21 -7.43 -1.68
C ALA B 32 1.93 -8.26 -1.55
N LYS B 33 0.82 -7.62 -1.20
CA LYS B 33 -0.44 -8.34 -1.10
C LYS B 33 -0.88 -8.82 -2.48
N TYR B 34 -0.90 -7.93 -3.46
CA TYR B 34 -1.34 -8.36 -4.78
C TYR B 34 -0.31 -9.27 -5.44
N GLY B 35 0.92 -9.32 -4.90
CA GLY B 35 1.84 -10.35 -5.30
C GLY B 35 1.37 -11.73 -4.89
N VAL B 36 0.98 -11.90 -3.64
CA VAL B 36 0.51 -13.20 -3.16
C VAL B 36 -0.74 -13.63 -3.93
N GLN B 37 -1.72 -12.72 -4.09
CA GLN B 37 -2.95 -13.04 -4.81
C GLN B 37 -2.65 -13.53 -6.22
N ASN B 38 -1.82 -12.80 -6.96
CA ASN B 38 -1.64 -13.11 -8.39
C ASN B 38 -0.77 -14.34 -8.60
N GLN B 39 0.39 -14.42 -7.95
CA GLN B 39 1.37 -15.46 -8.23
C GLN B 39 1.13 -16.74 -7.44
N LEU B 40 0.47 -16.64 -6.29
CA LEU B 40 0.28 -17.81 -5.43
C LEU B 40 -1.19 -18.19 -5.32
N ARG B 41 -2.07 -17.28 -4.87
CA ARG B 41 -3.44 -17.65 -4.56
C ARG B 41 -4.20 -18.10 -5.81
N ASN B 42 -4.35 -17.20 -6.78
CA ASN B 42 -5.11 -17.52 -7.98
C ASN B 42 -4.62 -18.78 -8.70
N PRO B 43 -3.33 -19.01 -8.87
CA PRO B 43 -2.93 -20.28 -9.50
C PRO B 43 -3.27 -21.50 -8.65
N LEU B 44 -3.11 -21.41 -7.33
CA LEU B 44 -3.39 -22.57 -6.51
C LEU B 44 -4.88 -22.88 -6.44
N TYR B 45 -5.74 -21.89 -6.67
CA TYR B 45 -7.17 -22.16 -6.66
C TYR B 45 -7.57 -22.97 -7.88
N LEU B 46 -7.07 -22.58 -9.06
CA LEU B 46 -7.26 -23.40 -10.26
C LEU B 46 -6.74 -24.81 -10.07
N LYS B 47 -5.49 -24.95 -9.59
CA LYS B 47 -4.94 -26.28 -9.33
C LYS B 47 -5.87 -27.11 -8.45
N ALA B 48 -6.51 -26.47 -7.47
CA ALA B 48 -7.38 -27.21 -6.57
C ALA B 48 -8.69 -27.62 -7.22
N MET B 49 -9.24 -26.77 -8.09
CA MET B 49 -10.52 -27.10 -8.71
C MET B 49 -10.36 -28.19 -9.78
N SER B 50 -9.14 -28.53 -10.14
CA SER B 50 -8.85 -29.63 -11.06
C SER B 50 -8.48 -30.91 -10.32
N LEU B 51 -8.51 -30.91 -9.01
CA LEU B 51 -8.26 -32.13 -8.27
C LEU B 51 -9.50 -33.02 -8.31
N PRO B 52 -9.36 -34.29 -7.94
CA PRO B 52 -10.57 -35.11 -7.72
C PRO B 52 -11.31 -34.59 -6.52
N ARG B 53 -12.64 -34.67 -6.58
CA ARG B 53 -13.50 -34.07 -5.57
C ARG B 53 -13.23 -34.63 -4.17
N SER B 54 -12.80 -35.89 -4.06
CA SER B 54 -12.50 -36.51 -2.78
C SER B 54 -11.19 -36.01 -2.16
N ALA B 55 -10.32 -35.38 -2.96
CA ALA B 55 -8.95 -35.12 -2.56
C ALA B 55 -8.86 -34.41 -1.21
N LYS B 56 -7.99 -34.93 -0.34
CA LYS B 56 -7.69 -34.33 0.94
C LYS B 56 -6.34 -33.62 0.86
N LEU B 57 -6.23 -32.48 1.54
CA LEU B 57 -5.03 -31.66 1.45
C LEU B 57 -4.03 -32.03 2.52
N SER B 58 -2.78 -31.83 2.20
CA SER B 58 -1.69 -32.04 3.15
C SER B 58 -1.51 -30.75 3.94
N GLN B 59 -1.81 -30.80 5.24
CA GLN B 59 -1.60 -29.63 6.09
C GLN B 59 -0.13 -29.23 6.18
N PRO B 60 0.84 -30.14 6.35
CA PRO B 60 2.25 -29.71 6.34
C PRO B 60 2.62 -28.93 5.10
N CYS B 61 2.04 -29.30 3.96
CA CYS B 61 2.29 -28.55 2.73
C CYS B 61 1.79 -27.13 2.85
N LEU B 62 0.61 -26.96 3.44
CA LEU B 62 0.06 -25.62 3.57
C LEU B 62 0.87 -24.78 4.55
N ASN B 63 1.38 -25.41 5.61
CA ASN B 63 2.19 -24.67 6.56
C ASN B 63 3.50 -24.21 5.93
N LYS B 64 4.17 -25.11 5.20
CA LYS B 64 5.35 -24.70 4.46
C LYS B 64 5.06 -23.50 3.57
N MET B 65 3.84 -23.43 3.02
CA MET B 65 3.48 -22.30 2.17
C MET B 65 3.36 -21.01 2.98
N ILE B 66 2.78 -21.06 4.17
CA ILE B 66 2.62 -19.81 4.93
C ILE B 66 3.97 -19.31 5.42
N ASP B 67 4.78 -20.20 5.96
CA ASP B 67 6.12 -19.82 6.38
C ASP B 67 6.89 -19.18 5.22
N GLU B 68 6.84 -19.81 4.05
CA GLU B 68 7.60 -19.28 2.92
C GLU B 68 7.05 -17.96 2.41
N VAL B 69 5.74 -17.73 2.50
CA VAL B 69 5.21 -16.39 2.21
C VAL B 69 5.82 -15.35 3.14
N ASN B 70 5.90 -15.64 4.43
CA ASN B 70 6.45 -14.64 5.36
C ASN B 70 7.94 -14.39 5.10
N ASP B 71 8.71 -15.45 4.91
CA ASP B 71 10.12 -15.30 4.57
C ASP B 71 10.31 -14.51 3.28
N LEU B 72 9.50 -14.77 2.26
CA LEU B 72 9.62 -14.03 1.01
C LEU B 72 9.26 -12.57 1.20
N GLU B 73 8.22 -12.29 1.99
CA GLU B 73 7.83 -10.89 2.18
C GLU B 73 8.80 -10.19 3.12
N SER B 74 9.31 -10.88 4.13
CA SER B 74 10.37 -10.31 4.94
C SER B 74 11.56 -9.90 4.06
N THR B 75 11.86 -10.68 3.04
CA THR B 75 13.00 -10.38 2.18
C THR B 75 12.68 -9.26 1.20
N PHE B 76 11.44 -9.19 0.71
CA PHE B 76 11.01 -8.08 -0.14
C PHE B 76 11.15 -6.75 0.61
N TYR B 77 10.64 -6.68 1.84
CA TYR B 77 10.65 -5.43 2.58
C TYR B 77 12.07 -4.99 2.89
N ALA B 78 12.93 -5.92 3.28
CA ALA B 78 14.35 -5.61 3.44
C ALA B 78 14.92 -5.01 2.15
N GLY B 79 14.56 -5.60 1.01
CA GLY B 79 15.01 -5.07 -0.27
C GLY B 79 14.41 -3.72 -0.57
N PHE B 80 13.30 -3.40 0.08
CA PHE B 80 12.65 -2.10 -0.02
C PHE B 80 13.35 -1.06 0.85
N SER B 81 14.05 -1.50 1.90
CA SER B 81 14.61 -0.57 2.87
C SER B 81 16.12 -0.78 3.12
N PHE B 82 16.49 -1.45 4.22
CA PHE B 82 17.87 -1.42 4.66
C PHE B 82 18.81 -2.23 3.78
N ASN B 83 18.28 -3.12 2.92
CA ASN B 83 19.10 -3.89 2.02
C ASN B 83 19.12 -3.30 0.62
N CYS B 84 18.62 -2.08 0.45
CA CYS B 84 18.64 -1.48 -0.88
C CYS B 84 20.02 -0.95 -1.23
N HIS B 85 20.57 -0.09 -0.36
CA HIS B 85 21.93 0.44 -0.49
C HIS B 85 22.08 1.44 -1.63
N ASP B 86 21.70 1.02 -2.84
CA ASP B 86 21.96 1.78 -4.06
C ASP B 86 20.99 2.93 -4.29
N HIS B 87 19.86 2.98 -3.58
CA HIS B 87 18.98 4.15 -3.61
C HIS B 87 18.46 4.42 -2.20
N ASP B 88 17.66 5.49 -2.11
CA ASP B 88 17.16 5.95 -0.83
C ASP B 88 16.09 5.01 -0.28
N GLN B 89 15.84 5.14 1.02
CA GLN B 89 15.45 4.00 1.86
C GLN B 89 14.08 3.41 1.53
N TYR B 90 13.20 4.10 0.80
CA TYR B 90 11.90 3.47 0.52
C TYR B 90 11.37 3.93 -0.83
N SER B 91 12.28 4.11 -1.79
CA SER B 91 11.94 4.66 -3.09
C SER B 91 11.32 3.62 -4.00
N MET B 92 10.73 4.11 -5.09
CA MET B 92 10.22 3.22 -6.11
C MET B 92 11.35 2.40 -6.70
N ASP B 93 12.54 2.99 -6.80
CA ASP B 93 13.72 2.29 -7.29
C ASP B 93 14.04 1.08 -6.44
N CYS B 94 14.11 1.25 -5.12
CA CYS B 94 14.29 0.09 -4.25
C CYS B 94 13.20 -0.94 -4.50
N LEU B 95 11.96 -0.48 -4.66
CA LEU B 95 10.85 -1.38 -4.94
C LEU B 95 11.08 -2.17 -6.23
N GLU B 96 11.34 -1.45 -7.32
CA GLU B 96 11.46 -2.07 -8.63
C GLU B 96 12.65 -3.02 -8.70
N ALA B 97 13.61 -2.89 -7.78
CA ALA B 97 14.77 -3.77 -7.80
C ALA B 97 14.47 -5.11 -7.13
N ALA B 98 13.65 -5.10 -6.09
CA ALA B 98 13.46 -6.29 -5.27
C ALA B 98 12.16 -7.03 -5.57
N GLU B 99 11.25 -6.44 -6.34
CA GLU B 99 9.90 -6.98 -6.50
C GLU B 99 9.88 -8.14 -7.47
N PRO B 100 10.66 -8.10 -8.57
CA PRO B 100 10.74 -9.29 -9.43
C PRO B 100 11.21 -10.51 -8.68
N THR B 101 12.24 -10.36 -7.84
CA THR B 101 12.72 -11.49 -7.06
C THR B 101 11.62 -12.06 -6.17
N TYR B 102 10.83 -11.17 -5.58
CA TYR B 102 9.71 -11.57 -4.76
C TYR B 102 8.64 -12.26 -5.59
N LEU B 103 8.22 -11.66 -6.69
CA LEU B 103 7.29 -12.33 -7.59
C LEU B 103 7.85 -13.68 -8.06
N ASP B 104 9.11 -13.70 -8.49
CA ASP B 104 9.73 -14.95 -8.93
C ASP B 104 9.71 -16.00 -7.82
N GLY B 105 9.94 -15.56 -6.58
CA GLY B 105 9.95 -16.51 -5.47
C GLY B 105 8.57 -17.07 -5.17
N LEU B 106 7.54 -16.24 -5.34
CA LEU B 106 6.17 -16.69 -5.07
C LEU B 106 5.71 -17.69 -6.13
N LYS B 107 6.06 -17.45 -7.40
CA LYS B 107 5.72 -18.37 -8.48
C LYS B 107 6.48 -19.68 -8.34
N LYS B 108 7.68 -19.64 -7.79
CA LYS B 108 8.35 -20.87 -7.44
C LYS B 108 7.56 -21.60 -6.36
N LEU B 109 7.19 -20.90 -5.29
CA LEU B 109 6.41 -21.53 -4.22
C LEU B 109 5.06 -22.00 -4.71
N ALA B 110 4.49 -21.36 -5.74
CA ALA B 110 3.25 -21.87 -6.29
C ALA B 110 3.45 -23.26 -6.90
N ALA B 111 4.64 -23.51 -7.43
CA ALA B 111 4.88 -24.83 -8.02
C ALA B 111 5.28 -25.87 -6.97
N SER B 112 6.12 -25.50 -5.99
CA SER B 112 6.55 -26.48 -5.00
C SER B 112 5.35 -26.93 -4.17
N THR B 113 4.42 -26.00 -3.87
CA THR B 113 3.18 -26.32 -3.17
C THR B 113 2.26 -27.21 -4.01
N GLU B 114 2.21 -27.00 -5.32
CA GLU B 114 1.40 -27.89 -6.17
C GLU B 114 1.87 -29.35 -6.08
N GLN B 115 3.18 -29.60 -6.10
CA GLN B 115 3.63 -30.98 -5.96
C GLN B 115 3.30 -31.60 -4.61
N CYS B 116 3.12 -30.80 -3.55
CA CYS B 116 2.83 -31.38 -2.24
C CYS B 116 1.40 -31.14 -1.80
N LEU B 117 0.57 -30.48 -2.61
CA LEU B 117 -0.74 -30.04 -2.16
C LEU B 117 -1.62 -31.22 -1.77
N VAL B 118 -1.75 -32.21 -2.66
CA VAL B 118 -2.50 -33.43 -2.38
C VAL B 118 -1.68 -34.33 -1.46
N GLN B 119 -2.32 -34.90 -0.44
CA GLN B 119 -1.66 -35.92 0.34
C GLN B 119 -2.05 -37.28 -0.25
N LYS B 120 -1.10 -37.89 -0.94
CA LYS B 120 -1.34 -39.15 -1.62
C LYS B 120 -0.38 -40.19 -1.07
N ARG C 5 -25.34 22.59 22.49
CA ARG C 5 -25.40 21.17 22.80
C ARG C 5 -26.09 20.39 21.67
N LYS C 6 -27.31 20.80 21.33
CA LYS C 6 -28.06 20.17 20.24
C LYS C 6 -27.84 20.83 18.89
N HIS C 7 -27.52 22.12 18.84
CA HIS C 7 -27.17 22.71 17.56
C HIS C 7 -25.71 22.45 17.19
N VAL C 8 -24.90 21.95 18.14
CA VAL C 8 -23.59 21.40 17.79
C VAL C 8 -23.75 20.25 16.81
N GLN C 9 -24.88 19.56 16.88
CA GLN C 9 -25.20 18.51 15.94
C GLN C 9 -25.58 19.07 14.56
N GLN C 10 -26.11 20.30 14.51
CA GLN C 10 -26.44 20.90 13.22
C GLN C 10 -25.19 21.21 12.40
N LEU C 11 -24.10 21.59 13.05
CA LEU C 11 -22.84 21.80 12.35
C LEU C 11 -22.20 20.48 11.93
N MET C 12 -22.47 19.41 12.67
CA MET C 12 -22.01 18.09 12.26
C MET C 12 -22.59 17.71 10.91
N LYS C 13 -23.83 18.11 10.63
CA LYS C 13 -24.48 17.65 9.41
C LYS C 13 -23.75 18.16 8.17
N VAL C 14 -23.25 19.39 8.21
CA VAL C 14 -22.62 19.93 7.02
C VAL C 14 -21.19 19.41 6.88
N PHE C 15 -20.53 19.09 7.98
CA PHE C 15 -19.18 18.53 7.87
C PHE C 15 -19.18 17.03 7.65
N ARG C 16 -20.19 16.32 8.18
CA ARG C 16 -20.34 14.92 7.82
C ARG C 16 -20.52 14.77 6.31
N ALA C 17 -21.23 15.71 5.70
CA ALA C 17 -21.40 15.66 4.25
C ALA C 17 -20.10 16.03 3.53
N ILE C 18 -19.27 16.89 4.12
CA ILE C 18 -17.99 17.19 3.49
C ILE C 18 -17.08 15.96 3.56
N ASP C 19 -17.00 15.35 4.75
CA ASP C 19 -16.40 14.03 4.92
C ASP C 19 -16.82 13.08 3.80
N PHE C 20 -18.12 12.99 3.56
CA PHE C 20 -18.62 12.00 2.62
C PHE C 20 -18.24 12.33 1.19
N ASP C 21 -18.20 13.62 0.82
CA ASP C 21 -17.75 13.97 -0.52
C ASP C 21 -16.35 13.43 -0.78
N PHE C 22 -15.46 13.50 0.22
CA PHE C 22 -14.13 12.93 0.09
C PHE C 22 -14.18 11.42 -0.05
N THR C 23 -14.98 10.75 0.79
CA THR C 23 -15.20 9.32 0.61
C THR C 23 -15.67 9.00 -0.81
N LYS C 24 -16.57 9.82 -1.36
CA LYS C 24 -17.03 9.58 -2.73
C LYS C 24 -15.91 9.81 -3.74
N LYS C 25 -15.04 10.80 -3.50
CA LYS C 25 -13.93 11.08 -4.43
C LYS C 25 -12.89 9.97 -4.41
N ALA C 26 -12.66 9.31 -3.27
CA ALA C 26 -11.76 8.17 -3.28
C ALA C 26 -12.43 6.93 -3.83
N PHE C 27 -13.76 6.87 -3.82
CA PHE C 27 -14.42 5.79 -4.53
C PHE C 27 -14.18 5.90 -6.03
N TYR C 28 -14.28 7.11 -6.58
CA TYR C 28 -13.92 7.32 -7.98
C TYR C 28 -12.53 6.77 -8.28
N LEU C 29 -11.56 7.14 -7.46
CA LEU C 29 -10.17 6.75 -7.70
C LEU C 29 -10.02 5.25 -7.80
N HIS C 30 -10.68 4.51 -6.92
CA HIS C 30 -10.61 3.05 -6.98
C HIS C 30 -11.17 2.53 -8.30
N ARG C 31 -12.28 3.11 -8.76
CA ARG C 31 -12.89 2.64 -10.01
C ARG C 31 -12.00 2.95 -11.21
N ALA C 32 -11.32 4.09 -11.20
CA ALA C 32 -10.41 4.38 -12.29
C ALA C 32 -9.20 3.45 -12.25
N LYS C 33 -8.67 3.19 -11.05
CA LYS C 33 -7.56 2.26 -10.91
C LYS C 33 -7.94 0.88 -11.43
N TYR C 34 -9.05 0.34 -10.95
CA TYR C 34 -9.43 -1.01 -11.38
C TYR C 34 -9.87 -1.03 -12.84
N GLY C 35 -10.35 0.10 -13.37
CA GLY C 35 -10.55 0.17 -14.80
C GLY C 35 -9.28 -0.06 -15.59
N VAL C 36 -8.19 0.58 -15.16
CA VAL C 36 -6.91 0.37 -15.80
C VAL C 36 -6.44 -1.07 -15.60
N GLN C 37 -6.56 -1.59 -14.39
CA GLN C 37 -6.11 -2.95 -14.15
C GLN C 37 -6.91 -3.95 -14.99
N ASN C 38 -8.23 -3.74 -15.12
CA ASN C 38 -9.08 -4.72 -15.78
C ASN C 38 -9.07 -4.56 -17.30
N GLN C 39 -9.25 -3.35 -17.80
CA GLN C 39 -9.38 -3.17 -19.24
C GLN C 39 -8.04 -3.12 -19.94
N LEU C 40 -6.99 -2.66 -19.25
CA LEU C 40 -5.72 -2.39 -19.90
C LEU C 40 -4.61 -3.32 -19.41
N ARG C 41 -4.21 -3.25 -18.15
CA ARG C 41 -3.05 -4.01 -17.67
C ARG C 41 -3.21 -5.51 -17.94
N ASN C 42 -4.38 -6.08 -17.64
CA ASN C 42 -4.47 -7.54 -17.67
C ASN C 42 -4.30 -8.10 -19.08
N PRO C 43 -5.01 -7.63 -20.12
CA PRO C 43 -4.74 -8.13 -21.48
C PRO C 43 -3.28 -7.98 -21.91
N LEU C 44 -2.56 -6.95 -21.45
CA LEU C 44 -1.20 -6.78 -21.92
C LEU C 44 -0.23 -7.73 -21.21
N TYR C 45 -0.45 -7.99 -19.92
CA TYR C 45 0.32 -9.01 -19.22
C TYR C 45 0.20 -10.35 -19.92
N LEU C 46 -0.96 -10.63 -20.50
CA LEU C 46 -1.16 -11.88 -21.22
C LEU C 46 -0.44 -11.84 -22.57
N LYS C 47 -0.71 -10.80 -23.38
CA LYS C 47 -0.01 -10.63 -24.65
C LYS C 47 1.50 -10.64 -24.50
N ALA C 48 2.01 -10.37 -23.30
CA ALA C 48 3.45 -10.37 -23.05
C ALA C 48 3.95 -11.68 -22.43
N MET C 49 3.16 -12.34 -21.59
CA MET C 49 3.55 -13.67 -21.11
C MET C 49 3.65 -14.70 -22.24
N SER C 50 3.35 -14.33 -23.48
CA SER C 50 3.43 -15.23 -24.62
C SER C 50 4.65 -14.99 -25.51
N LEU C 51 5.26 -13.81 -25.42
CA LEU C 51 6.29 -13.41 -26.36
C LEU C 51 7.53 -14.28 -26.22
N PRO C 52 8.41 -14.26 -27.22
CA PRO C 52 9.71 -14.94 -27.08
C PRO C 52 10.74 -14.11 -26.33
N ARG C 53 11.68 -14.81 -25.70
CA ARG C 53 12.76 -14.20 -24.95
C ARG C 53 13.70 -13.44 -25.89
N ALA C 55 12.29 -11.30 -28.44
CA ALA C 55 11.41 -10.21 -28.81
C ALA C 55 11.60 -9.03 -27.88
N LYS C 56 11.81 -7.85 -28.44
CA LYS C 56 12.06 -6.63 -27.67
C LYS C 56 10.81 -5.75 -27.71
N LEU C 57 10.53 -5.10 -26.60
CA LEU C 57 9.29 -4.35 -26.44
C LEU C 57 9.45 -2.90 -26.89
N SER C 58 8.42 -2.40 -27.56
CA SER C 58 8.45 -1.09 -28.21
C SER C 58 8.31 0.02 -27.17
N GLN C 59 9.44 0.59 -26.75
CA GLN C 59 9.37 1.72 -25.84
C GLN C 59 8.59 2.91 -26.39
N PRO C 60 8.54 3.18 -27.70
CA PRO C 60 7.69 4.30 -28.16
C PRO C 60 6.21 4.08 -27.95
N CYS C 61 5.72 2.84 -28.04
CA CYS C 61 4.28 2.62 -27.92
C CYS C 61 3.81 2.80 -26.49
N LEU C 62 4.64 2.41 -25.51
CA LEU C 62 4.30 2.64 -24.12
C LEU C 62 4.04 4.12 -23.86
N ASN C 63 4.78 5.00 -24.54
CA ASN C 63 4.61 6.44 -24.33
C ASN C 63 3.36 6.99 -25.00
N LYS C 64 2.75 6.24 -25.92
CA LYS C 64 1.43 6.60 -26.41
C LYS C 64 0.33 6.12 -25.47
N MET C 65 0.62 5.12 -24.63
CA MET C 65 -0.38 4.62 -23.70
C MET C 65 -0.52 5.53 -22.49
N ILE C 66 0.60 5.84 -21.82
CA ILE C 66 0.57 6.64 -20.60
C ILE C 66 -0.14 7.96 -20.84
N ASP C 67 0.20 8.63 -21.94
CA ASP C 67 -0.45 9.90 -22.26
C ASP C 67 -1.93 9.72 -22.57
N GLU C 68 -2.28 8.66 -23.32
CA GLU C 68 -3.69 8.41 -23.62
C GLU C 68 -4.46 8.02 -22.36
N VAL C 69 -3.80 7.32 -21.42
CA VAL C 69 -4.43 7.00 -20.14
C VAL C 69 -4.67 8.27 -19.35
N ASN C 70 -3.69 9.17 -19.33
CA ASN C 70 -3.91 10.46 -18.67
C ASN C 70 -5.08 11.22 -19.28
N ASP C 71 -5.28 11.10 -20.60
CA ASP C 71 -6.38 11.79 -21.25
C ASP C 71 -7.74 11.26 -20.79
N LEU C 72 -7.92 9.94 -20.88
CA LEU C 72 -9.20 9.32 -20.55
C LEU C 72 -9.58 9.56 -19.09
N GLU C 73 -8.62 9.37 -18.18
CA GLU C 73 -8.90 9.51 -16.76
C GLU C 73 -9.39 10.91 -16.43
N SER C 74 -8.73 11.94 -17.00
CA SER C 74 -9.23 13.30 -16.83
C SER C 74 -10.64 13.43 -17.38
N THR C 75 -10.88 12.86 -18.55
CA THR C 75 -12.22 12.86 -19.12
C THR C 75 -13.21 12.17 -18.19
N PHE C 76 -12.78 11.08 -17.54
CA PHE C 76 -13.63 10.39 -16.58
C PHE C 76 -13.97 11.30 -15.40
N TYR C 77 -12.95 11.86 -14.75
CA TYR C 77 -13.18 12.71 -13.58
C TYR C 77 -13.95 13.97 -13.94
N ALA C 78 -13.88 14.42 -15.19
CA ALA C 78 -14.66 15.57 -15.61
C ALA C 78 -16.15 15.27 -15.47
N GLY C 79 -16.62 14.23 -16.17
CA GLY C 79 -18.01 13.84 -16.06
C GLY C 79 -18.42 13.37 -14.68
N PHE C 80 -17.44 13.01 -13.84
CA PHE C 80 -17.73 12.72 -12.46
C PHE C 80 -17.85 13.98 -11.63
N SER C 81 -17.12 15.03 -11.98
CA SER C 81 -17.19 16.28 -11.25
C SER C 81 -17.96 17.33 -12.04
N PHE C 82 -17.26 18.30 -12.63
CA PHE C 82 -17.93 19.51 -13.11
C PHE C 82 -18.75 19.28 -14.38
N ASN C 83 -18.33 18.36 -15.25
CA ASN C 83 -19.08 18.18 -16.50
C ASN C 83 -20.31 17.30 -16.33
N CYS C 84 -20.83 17.20 -15.11
CA CYS C 84 -22.03 16.41 -14.82
C CYS C 84 -23.23 17.33 -14.98
N HIS C 85 -23.78 17.37 -16.20
CA HIS C 85 -24.74 18.39 -16.58
C HIS C 85 -25.97 18.35 -15.68
N ASP C 86 -26.52 17.17 -15.46
CA ASP C 86 -27.86 17.07 -14.88
C ASP C 86 -27.84 16.92 -13.35
N HIS C 87 -27.09 15.95 -12.84
CA HIS C 87 -27.08 15.64 -11.42
C HIS C 87 -25.99 16.40 -10.70
N ASP C 88 -26.13 16.50 -9.37
CA ASP C 88 -25.12 17.15 -8.57
C ASP C 88 -23.85 16.29 -8.51
N GLN C 89 -22.73 16.96 -8.29
CA GLN C 89 -21.43 16.38 -8.58
C GLN C 89 -21.08 15.25 -7.61
N TYR C 90 -20.06 14.49 -7.99
CA TYR C 90 -19.49 13.42 -7.18
C TYR C 90 -20.52 12.38 -6.80
N SER C 91 -21.65 12.37 -7.51
CA SER C 91 -22.75 11.46 -7.24
C SER C 91 -22.59 10.16 -8.04
N MET C 92 -23.27 9.13 -7.56
CA MET C 92 -23.21 7.83 -8.21
C MET C 92 -23.77 7.86 -9.63
N ASP C 93 -24.63 8.83 -9.94
CA ASP C 93 -25.14 8.98 -11.29
C ASP C 93 -24.10 9.57 -12.23
N CYS C 94 -23.25 10.48 -11.74
CA CYS C 94 -22.18 11.02 -12.57
C CYS C 94 -21.18 9.94 -12.95
N LEU C 95 -21.02 8.90 -12.12
CA LEU C 95 -20.18 7.77 -12.50
C LEU C 95 -20.80 6.96 -13.62
N GLU C 96 -22.08 6.62 -13.47
CA GLU C 96 -22.75 5.78 -14.48
C GLU C 96 -22.79 6.46 -15.83
N ALA C 97 -22.80 7.80 -15.86
CA ALA C 97 -22.75 8.49 -17.14
C ALA C 97 -21.37 8.39 -17.78
N ALA C 98 -20.31 8.43 -16.98
CA ALA C 98 -18.96 8.52 -17.50
C ALA C 98 -18.21 7.20 -17.49
N GLU C 99 -18.47 6.31 -16.55
CA GLU C 99 -17.64 5.11 -16.44
C GLU C 99 -17.73 4.21 -17.66
N PRO C 100 -18.89 3.99 -18.30
CA PRO C 100 -18.87 3.22 -19.56
C PRO C 100 -17.98 3.82 -20.62
N THR C 101 -18.13 5.12 -20.89
CA THR C 101 -17.24 5.84 -21.79
C THR C 101 -15.77 5.52 -21.49
N TYR C 102 -15.37 5.75 -20.24
CA TYR C 102 -13.98 5.52 -19.85
C TYR C 102 -13.57 4.08 -20.02
N LEU C 103 -14.44 3.13 -19.63
CA LEU C 103 -14.06 1.72 -19.71
C LEU C 103 -13.97 1.24 -21.15
N ASP C 104 -14.70 1.87 -22.07
CA ASP C 104 -14.57 1.52 -23.47
C ASP C 104 -13.35 2.19 -24.10
N GLY C 105 -13.03 3.40 -23.66
CA GLY C 105 -11.80 4.03 -24.06
C GLY C 105 -10.58 3.22 -23.69
N LEU C 106 -10.66 2.45 -22.60
CA LEU C 106 -9.57 1.55 -22.24
C LEU C 106 -9.60 0.26 -23.04
N LYS C 107 -10.79 -0.23 -23.43
CA LYS C 107 -10.85 -1.32 -24.39
C LYS C 107 -10.21 -0.90 -25.72
N LYS C 108 -10.61 0.26 -26.23
CA LYS C 108 -10.07 0.77 -27.49
C LYS C 108 -8.54 0.94 -27.43
N LEU C 109 -8.02 1.51 -26.34
CA LEU C 109 -6.58 1.75 -26.26
C LEU C 109 -5.80 0.48 -26.02
N ALA C 110 -6.42 -0.53 -25.41
CA ALA C 110 -5.68 -1.74 -25.05
C ALA C 110 -5.20 -2.48 -26.29
N ALA C 111 -6.01 -2.50 -27.35
CA ALA C 111 -5.58 -3.10 -28.61
C ALA C 111 -4.86 -2.13 -29.52
N SER C 112 -5.10 -0.81 -29.38
CA SER C 112 -4.31 0.15 -30.13
C SER C 112 -2.85 0.14 -29.72
N THR C 113 -2.54 -0.44 -28.57
CA THR C 113 -1.15 -0.61 -28.15
C THR C 113 -0.67 -2.05 -28.26
N GLU C 114 -1.58 -3.03 -28.21
CA GLU C 114 -1.18 -4.42 -28.39
C GLU C 114 -0.69 -4.68 -29.82
N GLN C 115 -1.22 -3.94 -30.79
CA GLN C 115 -0.81 -4.05 -32.20
C GLN C 115 0.42 -3.20 -32.50
N CYS C 116 1.24 -2.90 -31.49
CA CYS C 116 2.26 -1.89 -31.63
C CYS C 116 3.38 -2.07 -30.60
N LEU C 117 3.50 -3.25 -29.99
CA LEU C 117 4.66 -3.60 -29.17
C LEU C 117 5.60 -4.45 -30.02
N VAL C 118 6.49 -3.77 -30.77
CA VAL C 118 7.56 -4.41 -31.53
C VAL C 118 8.83 -3.57 -31.36
#